data_4B3F
#
_entry.id   4B3F
#
_cell.length_a   116.566
_cell.length_b   76.717
_cell.length_c   88.536
_cell.angle_alpha   90.00
_cell.angle_beta   107.33
_cell.angle_gamma   90.00
#
_symmetry.space_group_name_H-M   'C 1 2 1'
#
loop_
_entity.id
_entity.type
_entity.pdbx_description
1 polymer 'DNA-BINDING PROTEIN SMUBP-2'
2 non-polymer 'PHOSPHATE ION'
3 water water
#
_entity_poly.entity_id   1
_entity_poly.type   'polypeptide(L)'
_entity_poly.pdbx_seq_one_letter_code
;SAAVESFVTKQLDLLELERDAEVEERRSWQENISLKELQSRGVCLLKLQVSSQRTGLYGRLLVTFEPRRYGSAAALPSNS
FTSGDIVGLYDAANEGSQLATGILTRVTQKSVTVAFDESHDFQLSLDRENSYRLLKLANDVTYRRLKKALIALKKYHSGP
ASSLIEVLFGRSAPSPASEIHPLTFFNTCLDTSQKEAVLFALSQKELAIIHGPPGTGKTTTVVEIILQAVKQGLKVLCCA
PSNIAVDNLVERLALCKQRILRLGHPARLLESIQQHSLDAVLARSDSAQIVADIRKDIDQVFVKNKKTQDKREKSNFRNE
IKLLRKELKEREEAAMLESLTSANVVLATNTGASADGPLKLLPESYFDVVVIDECAQALEASCWIPLLKARKCILAGDHK
QLPPTTVSHKAALAGLSLSLMERLAEEYGARVVRTLTVQYRMHQAIMRWASDTMYLGQLTAHSSVARHLLRDLPGVAATE
ETGVPLLLVDTAGCGLFELEEEDEQSKGNPGEVRLVSLHIQALVDAGVPARDIAVVSPYNLQVDLLRQSLVHRHPELEIK
SVDGFQGREKEAVILSFVRSNRKGEVGFLAEDRRINVAVTRARRHVAVICDSRTVNNHAFLKTLVEYFTQHGEVRTAFEY
LDDIVP
;
_entity_poly.pdbx_strand_id   X
#
loop_
_chem_comp.id
_chem_comp.type
_chem_comp.name
_chem_comp.formula
PO4 non-polymer 'PHOSPHATE ION' 'O4 P -3'
#
# COMPACT_ATOMS: atom_id res chain seq x y z
N SER A 1 -28.01 -12.59 9.48
CA SER A 1 -27.75 -13.89 8.89
C SER A 1 -28.24 -13.95 7.46
N ALA A 2 -29.06 -12.98 7.08
CA ALA A 2 -29.60 -12.91 5.72
C ALA A 2 -28.76 -11.95 4.87
N ALA A 3 -28.67 -10.71 5.33
CA ALA A 3 -27.82 -9.71 4.70
C ALA A 3 -26.39 -10.25 4.62
N VAL A 4 -26.06 -11.11 5.57
CA VAL A 4 -24.76 -11.77 5.63
C VAL A 4 -24.64 -12.84 4.56
N GLU A 5 -25.67 -13.67 4.44
CA GLU A 5 -25.65 -14.75 3.47
C GLU A 5 -25.38 -14.21 2.09
N SER A 6 -26.15 -13.20 1.70
CA SER A 6 -26.09 -12.64 0.35
C SER A 6 -24.79 -11.88 0.07
N PHE A 7 -24.46 -10.92 0.93
CA PHE A 7 -23.19 -10.23 0.80
C PHE A 7 -22.07 -11.25 0.56
N VAL A 8 -22.07 -12.32 1.36
CA VAL A 8 -21.06 -13.36 1.25
C VAL A 8 -21.03 -14.06 -0.10
N THR A 9 -22.17 -14.64 -0.51
CA THR A 9 -22.24 -15.31 -1.81
C THR A 9 -21.86 -14.35 -2.94
N LYS A 10 -22.24 -13.09 -2.78
CA LYS A 10 -21.90 -12.07 -3.77
C LYS A 10 -20.39 -11.96 -3.85
N GLN A 11 -19.76 -11.83 -2.68
CA GLN A 11 -18.30 -11.71 -2.59
C GLN A 11 -17.55 -12.92 -3.15
N LEU A 12 -17.97 -14.11 -2.74
CA LEU A 12 -17.32 -15.33 -3.18
C LEU A 12 -17.29 -15.39 -4.70
N ASP A 13 -18.32 -14.86 -5.35
CA ASP A 13 -18.39 -14.78 -6.80
C ASP A 13 -17.39 -13.75 -7.32
N LEU A 14 -17.47 -12.54 -6.79
CA LEU A 14 -16.60 -11.46 -7.21
C LEU A 14 -15.15 -11.90 -7.15
N LEU A 15 -14.86 -12.83 -6.26
CA LEU A 15 -13.49 -13.31 -6.07
C LEU A 15 -13.00 -14.17 -7.24
N GLU A 16 -13.66 -15.30 -7.47
CA GLU A 16 -13.22 -16.20 -8.55
C GLU A 16 -13.17 -15.46 -9.88
N LEU A 17 -14.01 -14.44 -10.00
CA LEU A 17 -13.92 -13.55 -11.13
C LEU A 17 -12.53 -12.94 -11.13
N GLU A 18 -12.19 -12.27 -10.02
CA GLU A 18 -10.88 -11.69 -9.83
C GLU A 18 -9.78 -12.73 -10.03
N ARG A 19 -9.86 -13.83 -9.27
CA ARG A 19 -8.82 -14.85 -9.33
C ARG A 19 -8.63 -15.34 -10.75
N ASP A 20 -9.71 -15.74 -11.39
CA ASP A 20 -9.64 -16.16 -12.78
C ASP A 20 -9.06 -15.04 -13.62
N ALA A 21 -9.52 -13.81 -13.39
CA ALA A 21 -9.06 -12.67 -14.16
C ALA A 21 -7.58 -12.45 -13.99
N GLU A 22 -7.12 -12.44 -12.75
CA GLU A 22 -5.70 -12.26 -12.47
C GLU A 22 -4.87 -13.39 -13.08
N VAL A 23 -5.35 -14.62 -12.92
CA VAL A 23 -4.64 -15.77 -13.46
C VAL A 23 -4.40 -15.62 -14.95
N GLU A 24 -5.47 -15.56 -15.74
CA GLU A 24 -5.32 -15.40 -17.18
C GLU A 24 -4.48 -14.16 -17.49
N GLU A 25 -4.71 -13.09 -16.74
CA GLU A 25 -3.90 -11.88 -16.91
C GLU A 25 -2.42 -12.21 -16.93
N ARG A 26 -1.97 -13.03 -16.00
CA ARG A 26 -0.56 -13.38 -15.91
C ARG A 26 -0.16 -14.37 -17.00
N ARG A 27 -1.07 -15.26 -17.37
CA ARG A 27 -0.75 -16.22 -18.42
C ARG A 27 -0.30 -15.49 -19.68
N SER A 28 -1.01 -14.43 -20.05
CA SER A 28 -0.66 -13.68 -21.25
C SER A 28 0.75 -13.08 -21.13
N TRP A 29 1.02 -12.41 -20.01
CA TRP A 29 2.34 -11.83 -19.77
C TRP A 29 3.44 -12.90 -19.88
N GLN A 30 3.16 -14.08 -19.32
CA GLN A 30 4.13 -15.16 -19.29
C GLN A 30 4.23 -15.78 -20.69
N GLU A 31 3.18 -15.60 -21.48
CA GLU A 31 3.13 -16.09 -22.85
C GLU A 31 3.87 -15.17 -23.79
N ASN A 32 3.18 -14.14 -24.23
CA ASN A 32 3.70 -13.25 -25.25
C ASN A 32 4.69 -12.21 -24.75
N ILE A 33 5.45 -12.55 -23.71
CA ILE A 33 6.42 -11.60 -23.16
C ILE A 33 7.72 -12.23 -22.67
N SER A 34 8.85 -11.70 -23.16
CA SER A 34 10.17 -12.28 -22.90
C SER A 34 10.57 -12.20 -21.43
N LEU A 35 11.32 -13.20 -21.00
CA LEU A 35 11.88 -13.24 -19.65
C LEU A 35 12.73 -11.99 -19.40
N LYS A 36 13.34 -11.47 -20.46
CA LYS A 36 14.33 -10.41 -20.31
C LYS A 36 13.72 -9.05 -19.92
N GLU A 37 12.56 -8.73 -20.46
CA GLU A 37 11.93 -7.46 -20.13
C GLU A 37 10.74 -7.61 -19.17
N LEU A 38 10.40 -8.85 -18.85
CA LEU A 38 9.49 -9.11 -17.73
C LEU A 38 10.20 -8.61 -16.49
N GLN A 39 11.48 -8.94 -16.41
CA GLN A 39 12.36 -8.40 -15.40
C GLN A 39 12.45 -6.90 -15.55
N SER A 40 12.47 -6.42 -16.80
CA SER A 40 12.51 -4.99 -17.08
C SER A 40 11.36 -4.29 -16.38
N ARG A 41 10.24 -5.00 -16.22
CA ARG A 41 9.08 -4.45 -15.52
C ARG A 41 9.12 -4.72 -14.01
N GLY A 42 10.10 -5.51 -13.57
CA GLY A 42 10.27 -5.80 -12.15
C GLY A 42 9.35 -6.89 -11.65
N VAL A 43 9.02 -7.83 -12.52
CA VAL A 43 8.07 -8.88 -12.19
C VAL A 43 8.69 -10.26 -12.36
N CYS A 44 9.99 -10.29 -12.65
CA CYS A 44 10.74 -11.53 -12.62
C CYS A 44 12.19 -11.21 -12.36
N LEU A 45 12.87 -12.07 -11.62
CA LEU A 45 14.28 -11.86 -11.32
C LEU A 45 15.13 -12.98 -11.89
N LEU A 46 16.20 -12.60 -12.56
CA LEU A 46 17.12 -13.55 -13.14
C LEU A 46 18.38 -12.80 -13.54
N LYS A 47 19.49 -13.52 -13.67
CA LYS A 47 19.57 -14.90 -13.20
C LYS A 47 20.21 -14.86 -11.82
N LEU A 48 19.69 -15.70 -10.95
CA LEU A 48 20.00 -15.55 -9.53
C LEU A 48 20.84 -16.72 -9.03
N GLN A 49 21.48 -16.50 -7.88
CA GLN A 49 22.35 -17.50 -7.33
C GLN A 49 22.05 -17.66 -5.86
N VAL A 50 22.04 -18.89 -5.39
CA VAL A 50 21.79 -19.18 -3.98
C VAL A 50 22.93 -18.65 -3.09
N SER A 51 22.56 -17.87 -2.07
CA SER A 51 23.54 -17.29 -1.16
C SER A 51 23.53 -18.01 0.20
N SER A 52 22.37 -18.55 0.54
CA SER A 52 22.22 -19.30 1.79
C SER A 52 20.89 -20.05 1.78
N GLN A 53 20.86 -21.19 2.46
CA GLN A 53 19.61 -21.93 2.67
C GLN A 53 19.55 -22.56 4.06
N ARG A 54 18.72 -21.97 4.92
CA ARG A 54 18.55 -22.44 6.28
C ARG A 54 17.09 -22.63 6.59
N THR A 55 16.76 -23.76 7.21
CA THR A 55 15.42 -23.96 7.69
C THR A 55 15.15 -22.86 8.72
N GLY A 56 14.03 -22.17 8.57
CA GLY A 56 13.73 -21.03 9.42
C GLY A 56 12.50 -21.23 10.28
N LEU A 57 11.71 -20.18 10.40
CA LEU A 57 10.45 -20.20 11.15
C LEU A 57 9.50 -21.22 10.52
N TYR A 58 8.82 -22.00 11.36
CA TYR A 58 8.10 -23.18 10.89
C TYR A 58 9.11 -24.05 10.17
N GLY A 59 8.68 -25.21 9.69
CA GLY A 59 9.59 -26.08 8.98
C GLY A 59 10.19 -25.42 7.75
N ARG A 60 9.63 -24.28 7.38
CA ARG A 60 9.92 -23.68 6.08
C ARG A 60 11.41 -23.50 5.82
N LEU A 61 11.82 -23.83 4.60
CA LEU A 61 13.22 -23.70 4.20
C LEU A 61 13.45 -22.34 3.57
N LEU A 62 14.28 -21.53 4.22
CA LEU A 62 14.54 -20.17 3.78
C LEU A 62 15.73 -20.08 2.83
N VAL A 63 15.47 -19.83 1.56
CA VAL A 63 16.57 -19.68 0.61
C VAL A 63 16.75 -18.23 0.22
N THR A 64 17.99 -17.79 0.20
CA THR A 64 18.30 -16.41 -0.14
C THR A 64 18.99 -16.35 -1.48
N PHE A 65 18.52 -15.46 -2.34
CA PHE A 65 18.98 -15.37 -3.70
C PHE A 65 19.62 -14.02 -3.95
N GLU A 66 20.80 -14.02 -4.58
CA GLU A 66 21.47 -12.79 -4.98
C GLU A 66 21.92 -12.92 -6.44
N PRO A 67 22.14 -11.77 -7.11
CA PRO A 67 22.70 -11.80 -8.47
C PRO A 67 23.99 -12.61 -8.51
N ARG A 68 24.15 -13.47 -9.51
CA ARG A 68 25.37 -14.27 -9.63
C ARG A 68 26.56 -13.38 -9.33
N ARG A 69 27.68 -13.98 -8.94
CA ARG A 69 28.90 -13.22 -8.68
C ARG A 69 29.14 -12.20 -9.81
N TYR A 70 29.05 -10.91 -9.48
CA TYR A 70 29.16 -9.85 -10.48
C TYR A 70 30.53 -9.17 -10.47
N ALA A 74 27.04 -5.77 -6.43
CA ALA A 74 26.05 -6.42 -7.28
C ALA A 74 24.66 -6.31 -6.66
N ALA A 75 23.87 -5.36 -7.15
CA ALA A 75 22.51 -5.14 -6.64
C ALA A 75 21.48 -5.65 -7.63
N LEU A 76 20.26 -5.92 -7.15
CA LEU A 76 19.18 -6.41 -8.00
C LEU A 76 18.60 -5.36 -8.97
N PRO A 77 18.18 -5.80 -10.16
CA PRO A 77 17.44 -4.93 -11.09
C PRO A 77 16.07 -4.57 -10.50
N SER A 78 15.75 -3.27 -10.47
CA SER A 78 14.56 -2.76 -9.77
C SER A 78 13.28 -3.54 -10.04
N ASN A 79 12.46 -3.72 -8.99
CA ASN A 79 11.31 -4.61 -9.08
C ASN A 79 10.19 -4.32 -8.09
N SER A 80 9.08 -5.01 -8.30
CA SER A 80 7.91 -4.84 -7.47
C SER A 80 7.70 -6.07 -6.62
N PHE A 81 8.80 -6.75 -6.31
CA PHE A 81 8.71 -7.85 -5.38
C PHE A 81 8.57 -7.28 -3.97
N THR A 82 7.68 -7.87 -3.18
CA THR A 82 7.46 -7.42 -1.81
C THR A 82 7.18 -8.58 -0.88
N SER A 83 7.66 -8.49 0.36
CA SER A 83 7.39 -9.52 1.36
C SER A 83 5.95 -9.96 1.26
N GLY A 84 5.74 -11.27 1.25
CA GLY A 84 4.40 -11.81 1.14
C GLY A 84 4.02 -12.29 -0.26
N ASP A 85 4.67 -11.74 -1.28
CA ASP A 85 4.40 -12.18 -2.65
C ASP A 85 4.55 -13.68 -2.83
N ILE A 86 3.76 -14.25 -3.73
CA ILE A 86 3.96 -15.62 -4.16
C ILE A 86 4.95 -15.66 -5.30
N VAL A 87 5.84 -16.63 -5.28
CA VAL A 87 6.94 -16.61 -6.22
C VAL A 87 7.15 -18.02 -6.79
N GLY A 88 7.54 -18.09 -8.06
CA GLY A 88 7.80 -19.36 -8.75
C GLY A 88 9.27 -19.49 -9.04
N LEU A 89 9.82 -20.69 -8.83
CA LEU A 89 11.27 -20.94 -8.95
C LEU A 89 11.63 -21.84 -10.12
N TYR A 90 12.51 -21.35 -10.99
CA TYR A 90 12.92 -22.09 -12.18
C TYR A 90 14.46 -22.15 -12.28
N ASP A 91 14.96 -23.12 -13.04
CA ASP A 91 16.39 -23.23 -13.29
C ASP A 91 16.69 -22.93 -14.76
N ALA A 92 17.79 -22.21 -15.02
CA ALA A 92 18.14 -21.85 -16.39
C ALA A 92 18.47 -23.09 -17.21
N ALA A 93 19.31 -23.96 -16.66
CA ALA A 93 19.72 -25.18 -17.34
C ALA A 93 18.68 -26.29 -17.21
N ASN A 94 17.58 -25.99 -16.51
CA ASN A 94 16.47 -26.92 -16.38
C ASN A 94 15.49 -26.74 -17.54
N GLU A 95 14.53 -27.65 -17.67
CA GLU A 95 13.60 -27.67 -18.80
C GLU A 95 12.50 -26.61 -18.71
N GLY A 96 12.81 -25.44 -18.16
CA GLY A 96 11.82 -24.38 -17.98
C GLY A 96 10.66 -24.86 -17.12
N SER A 97 10.83 -26.02 -16.48
CA SER A 97 9.82 -26.63 -15.63
C SER A 97 9.84 -25.96 -14.26
N GLN A 98 8.67 -25.70 -13.69
CA GLN A 98 8.60 -24.95 -12.44
C GLN A 98 9.03 -25.80 -11.24
N LEU A 99 10.21 -25.50 -10.71
CA LEU A 99 10.81 -26.29 -9.65
C LEU A 99 10.04 -26.21 -8.33
N ALA A 100 9.52 -25.04 -8.02
CA ALA A 100 8.82 -24.87 -6.75
C ALA A 100 8.10 -23.55 -6.66
N THR A 101 7.42 -23.36 -5.52
CA THR A 101 6.63 -22.18 -5.25
C THR A 101 6.92 -21.68 -3.85
N GLY A 102 6.88 -20.37 -3.65
CA GLY A 102 7.30 -19.82 -2.37
C GLY A 102 6.74 -18.47 -2.01
N ILE A 103 7.30 -17.90 -0.94
CA ILE A 103 6.84 -16.66 -0.34
C ILE A 103 8.00 -15.76 0.02
N LEU A 104 7.98 -14.52 -0.48
CA LEU A 104 9.01 -13.57 -0.10
C LEU A 104 8.95 -13.26 1.40
N THR A 105 10.11 -13.15 2.02
CA THR A 105 10.14 -12.82 3.44
C THR A 105 11.00 -11.60 3.65
N ARG A 106 11.70 -11.18 2.61
CA ARG A 106 12.62 -10.09 2.79
C ARG A 106 13.26 -9.76 1.47
N VAL A 107 13.04 -8.52 1.03
CA VAL A 107 13.49 -8.11 -0.28
C VAL A 107 14.35 -6.85 -0.20
N THR A 108 15.67 -7.04 -0.25
CA THR A 108 16.59 -5.92 -0.20
C THR A 108 17.00 -5.52 -1.61
N GLN A 109 17.65 -4.37 -1.72
CA GLN A 109 18.12 -3.86 -3.00
C GLN A 109 19.06 -4.82 -3.72
N LYS A 110 19.60 -5.80 -2.99
CA LYS A 110 20.55 -6.74 -3.58
C LYS A 110 20.48 -8.17 -3.02
N SER A 111 19.30 -8.53 -2.52
CA SER A 111 19.07 -9.91 -2.12
C SER A 111 17.58 -10.14 -2.06
N VAL A 112 17.17 -11.42 -2.10
CA VAL A 112 15.77 -11.79 -2.04
C VAL A 112 15.58 -13.14 -1.35
N THR A 113 14.67 -13.19 -0.38
CA THR A 113 14.52 -14.38 0.44
C THR A 113 13.15 -15.01 0.29
N VAL A 114 13.15 -16.31 0.01
CA VAL A 114 11.93 -17.05 -0.25
C VAL A 114 11.81 -18.17 0.79
N ALA A 115 10.59 -18.40 1.30
CA ALA A 115 10.34 -19.53 2.19
C ALA A 115 9.62 -20.64 1.42
N PHE A 116 9.94 -21.89 1.71
CA PHE A 116 9.40 -22.99 0.93
C PHE A 116 8.61 -24.05 1.73
N ASP A 117 8.17 -25.08 1.01
CA ASP A 117 7.36 -26.18 1.56
C ASP A 117 5.98 -25.71 2.05
N SER A 125 18.67 -31.06 -5.46
CA SER A 125 17.91 -29.89 -5.02
C SER A 125 18.56 -28.59 -5.47
N LEU A 126 18.78 -27.67 -4.53
CA LEU A 126 19.32 -26.36 -4.88
C LEU A 126 20.84 -26.25 -4.74
N ASP A 127 21.49 -25.90 -5.85
CA ASP A 127 22.94 -25.79 -5.91
C ASP A 127 23.45 -24.35 -5.87
N ARG A 128 24.54 -24.13 -5.15
CA ARG A 128 25.13 -22.81 -4.98
C ARG A 128 25.64 -22.23 -6.31
N GLU A 129 25.48 -22.97 -7.40
CA GLU A 129 26.03 -22.55 -8.67
C GLU A 129 25.00 -22.34 -9.76
N ASN A 130 23.99 -21.51 -9.50
CA ASN A 130 23.11 -21.06 -10.57
C ASN A 130 22.41 -22.21 -11.31
N SER A 131 21.55 -21.87 -12.27
CA SER A 131 21.20 -20.49 -12.55
C SER A 131 19.69 -20.27 -12.47
N TYR A 132 19.26 -19.65 -11.38
CA TYR A 132 17.85 -19.62 -11.04
C TYR A 132 17.07 -18.40 -11.55
N ARG A 133 15.77 -18.58 -11.69
CA ARG A 133 14.83 -17.55 -12.13
C ARG A 133 13.79 -17.38 -11.02
N LEU A 134 13.14 -16.22 -10.96
CA LEU A 134 12.11 -15.98 -9.94
C LEU A 134 10.94 -15.24 -10.57
N LEU A 135 9.76 -15.84 -10.51
CA LEU A 135 8.61 -15.36 -11.27
C LEU A 135 7.40 -15.05 -10.38
N LYS A 136 7.00 -13.78 -10.36
CA LYS A 136 5.84 -13.36 -9.59
C LYS A 136 4.55 -13.98 -10.12
N LEU A 137 3.87 -14.71 -9.25
CA LEU A 137 2.66 -15.41 -9.62
C LEU A 137 1.49 -14.94 -8.77
N ALA A 138 0.28 -15.25 -9.23
CA ALA A 138 -0.94 -15.00 -8.48
C ALA A 138 -0.78 -15.45 -7.03
N ASN A 139 -1.34 -14.69 -6.09
CA ASN A 139 -1.24 -15.05 -4.69
C ASN A 139 -2.43 -15.92 -4.25
N ASP A 140 -2.26 -17.23 -4.39
CA ASP A 140 -3.34 -18.16 -4.13
C ASP A 140 -3.64 -18.27 -2.65
N VAL A 141 -2.66 -17.90 -1.82
CA VAL A 141 -2.87 -17.92 -0.38
C VAL A 141 -3.89 -16.87 0.02
N THR A 142 -3.71 -15.64 -0.48
CA THR A 142 -4.65 -14.55 -0.25
C THR A 142 -6.04 -14.98 -0.68
N TYR A 143 -6.15 -15.50 -1.90
CA TYR A 143 -7.44 -15.98 -2.37
C TYR A 143 -8.03 -16.98 -1.41
N ARG A 144 -7.22 -17.95 -0.99
CA ARG A 144 -7.68 -19.00 -0.10
C ARG A 144 -8.11 -18.49 1.29
N ARG A 145 -7.38 -17.50 1.81
CA ARG A 145 -7.74 -16.85 3.08
C ARG A 145 -9.04 -16.04 2.96
N LEU A 146 -9.05 -15.07 2.05
CA LEU A 146 -10.25 -14.28 1.77
C LEU A 146 -11.49 -15.16 1.64
N LYS A 147 -11.37 -16.24 0.88
CA LYS A 147 -12.50 -17.14 0.68
C LYS A 147 -12.99 -17.73 1.99
N LYS A 148 -12.10 -17.78 2.98
CA LYS A 148 -12.39 -18.47 4.23
C LYS A 148 -12.88 -17.55 5.33
N ALA A 149 -12.33 -16.35 5.43
CA ALA A 149 -12.86 -15.38 6.38
C ALA A 149 -14.29 -15.08 5.96
N LEU A 150 -14.58 -15.34 4.68
CA LEU A 150 -15.90 -15.10 4.12
C LEU A 150 -16.89 -16.18 4.51
N ILE A 151 -16.48 -17.44 4.42
CA ILE A 151 -17.31 -18.54 4.90
C ILE A 151 -17.43 -18.45 6.42
N ALA A 152 -16.32 -18.14 7.07
CA ALA A 152 -16.27 -18.05 8.54
C ALA A 152 -17.22 -16.98 9.07
N LEU A 153 -17.30 -15.88 8.33
CA LEU A 153 -18.24 -14.82 8.64
C LEU A 153 -19.68 -15.35 8.56
N LYS A 154 -20.08 -15.76 7.37
CA LYS A 154 -21.46 -16.21 7.13
C LYS A 154 -21.84 -17.32 8.11
N LYS A 155 -20.85 -18.11 8.52
CA LYS A 155 -21.08 -19.17 9.51
C LYS A 155 -20.67 -18.71 10.91
N TYR A 156 -20.86 -17.43 11.20
CA TYR A 156 -20.54 -16.91 12.52
C TYR A 156 -21.69 -17.13 13.49
N HIS A 157 -21.33 -17.34 14.75
CA HIS A 157 -22.26 -17.80 15.78
C HIS A 157 -22.70 -16.68 16.70
N SER A 158 -22.73 -16.97 17.99
CA SER A 158 -22.94 -15.94 18.99
C SER A 158 -21.62 -15.67 19.68
N GLY A 159 -21.07 -14.48 19.47
CA GLY A 159 -19.79 -14.13 20.07
C GLY A 159 -19.57 -12.64 20.21
N PRO A 160 -18.39 -12.26 20.73
CA PRO A 160 -18.00 -10.86 20.91
C PRO A 160 -18.28 -10.04 19.65
N ALA A 161 -17.98 -10.62 18.51
CA ALA A 161 -18.15 -9.94 17.23
C ALA A 161 -19.61 -9.72 16.83
N SER A 162 -20.54 -10.34 17.55
CA SER A 162 -21.96 -10.28 17.20
C SER A 162 -22.50 -8.86 16.93
N SER A 163 -22.33 -7.97 17.89
CA SER A 163 -22.89 -6.62 17.77
C SER A 163 -22.27 -5.81 16.64
N LEU A 164 -20.96 -5.85 16.53
CA LEU A 164 -20.28 -5.13 15.48
C LEU A 164 -20.90 -5.45 14.12
N ILE A 165 -21.25 -6.71 13.94
CA ILE A 165 -21.74 -7.21 12.67
C ILE A 165 -23.10 -6.65 12.31
N GLU A 166 -23.99 -6.61 13.31
CA GLU A 166 -25.29 -5.99 13.13
C GLU A 166 -25.09 -4.59 12.59
N VAL A 167 -24.39 -3.78 13.38
CA VAL A 167 -24.12 -2.40 13.02
C VAL A 167 -23.51 -2.31 11.63
N LEU A 168 -22.51 -3.14 11.38
CA LEU A 168 -21.83 -3.14 10.09
C LEU A 168 -22.77 -3.49 8.92
N PHE A 169 -23.69 -4.42 9.17
CA PHE A 169 -24.63 -4.84 8.13
C PHE A 169 -26.03 -4.22 8.27
N GLY A 170 -26.11 -3.07 8.93
CA GLY A 170 -27.35 -2.32 9.00
C GLY A 170 -28.44 -2.89 9.88
N ARG A 171 -28.40 -4.19 10.15
CA ARG A 171 -29.44 -4.84 10.96
C ARG A 171 -29.73 -4.08 12.26
N SER A 172 -28.72 -3.41 12.81
CA SER A 172 -28.89 -2.61 14.01
C SER A 172 -28.31 -1.22 13.80
N ALA A 173 -28.14 -0.47 14.88
CA ALA A 173 -27.62 0.89 14.79
C ALA A 173 -26.53 1.16 15.82
N PRO A 174 -25.56 2.02 15.46
CA PRO A 174 -24.48 2.45 16.35
C PRO A 174 -25.01 2.76 17.74
N SER A 175 -24.69 1.90 18.72
CA SER A 175 -25.08 2.10 20.11
C SER A 175 -24.57 3.45 20.64
N PRO A 176 -25.24 4.00 21.66
CA PRO A 176 -24.87 5.29 22.25
C PRO A 176 -23.43 5.33 22.78
N ALA A 177 -22.71 6.38 22.42
CA ALA A 177 -21.29 6.49 22.73
C ALA A 177 -20.99 6.74 24.21
N SER A 178 -20.34 5.77 24.84
CA SER A 178 -19.91 5.88 26.24
C SER A 178 -19.44 7.29 26.61
N GLU A 179 -19.60 7.66 27.88
CA GLU A 179 -19.25 9.00 28.32
C GLU A 179 -17.75 9.24 28.25
N ILE A 180 -17.39 10.43 27.80
CA ILE A 180 -16.00 10.81 27.55
C ILE A 180 -15.24 11.17 28.83
N HIS A 181 -14.34 10.29 29.24
CA HIS A 181 -13.53 10.50 30.44
C HIS A 181 -12.18 11.14 30.09
N PRO A 182 -12.03 12.45 30.38
CA PRO A 182 -11.00 13.39 29.90
C PRO A 182 -9.67 12.73 29.55
N LEU A 183 -9.05 13.18 28.46
CA LEU A 183 -7.82 12.55 28.01
C LEU A 183 -6.54 13.36 28.21
N THR A 184 -5.49 12.68 28.65
CA THR A 184 -4.12 13.18 28.57
C THR A 184 -3.48 12.62 27.28
N PHE A 185 -3.02 13.50 26.40
CA PHE A 185 -2.46 13.08 25.13
C PHE A 185 -0.96 12.79 25.21
N PHE A 186 -0.56 11.62 24.71
CA PHE A 186 0.85 11.29 24.64
C PHE A 186 1.48 12.28 23.68
N ASN A 187 0.85 12.46 22.52
CA ASN A 187 1.31 13.46 21.55
C ASN A 187 0.76 14.84 21.88
N THR A 188 1.68 15.77 22.13
CA THR A 188 1.34 17.02 22.76
C THR A 188 1.02 18.10 21.74
N CYS A 189 1.37 17.82 20.49
CA CYS A 189 1.26 18.81 19.41
C CYS A 189 0.08 18.54 18.48
N LEU A 190 -0.99 17.95 19.01
CA LEU A 190 -2.16 17.63 18.21
C LEU A 190 -3.10 18.81 18.02
N ASP A 191 -3.47 19.10 16.77
CA ASP A 191 -4.49 20.11 16.50
C ASP A 191 -5.88 19.69 17.04
N THR A 192 -6.75 20.67 17.27
CA THR A 192 -8.07 20.41 17.85
C THR A 192 -8.89 19.35 17.10
N SER A 193 -8.79 19.40 15.78
CA SER A 193 -9.39 18.42 14.88
C SER A 193 -9.01 16.97 15.22
N GLN A 194 -7.74 16.75 15.59
CA GLN A 194 -7.25 15.40 15.89
C GLN A 194 -7.63 14.98 17.30
N LYS A 195 -7.54 15.93 18.22
CA LYS A 195 -7.90 15.67 19.61
C LYS A 195 -9.32 15.15 19.72
N GLU A 196 -10.18 15.62 18.82
CA GLU A 196 -11.58 15.25 18.85
C GLU A 196 -11.83 13.90 18.19
N ALA A 197 -11.15 13.64 17.07
CA ALA A 197 -11.18 12.33 16.45
C ALA A 197 -10.75 11.27 17.45
N VAL A 198 -9.62 11.49 18.11
CA VAL A 198 -9.19 10.59 19.18
C VAL A 198 -10.28 10.35 20.23
N LEU A 199 -10.69 11.42 20.91
CA LEU A 199 -11.75 11.36 21.93
C LEU A 199 -12.98 10.63 21.42
N PHE A 200 -13.45 11.00 20.24
CA PHE A 200 -14.63 10.35 19.69
C PHE A 200 -14.40 8.85 19.58
N ALA A 201 -13.27 8.47 19.00
CA ALA A 201 -12.96 7.09 18.64
C ALA A 201 -12.91 6.16 19.84
N LEU A 202 -12.33 6.65 20.93
CA LEU A 202 -12.30 5.89 22.17
C LEU A 202 -13.70 5.68 22.74
N SER A 203 -14.62 6.60 22.40
CA SER A 203 -15.96 6.63 23.01
C SER A 203 -16.92 5.65 22.37
N GLN A 204 -16.78 5.46 21.07
CA GLN A 204 -17.63 4.50 20.39
C GLN A 204 -17.45 3.16 21.06
N LYS A 205 -18.48 2.34 21.08
CA LYS A 205 -18.31 0.99 21.58
C LYS A 205 -18.79 -0.02 20.55
N GLU A 206 -18.27 0.11 19.34
CA GLU A 206 -18.79 -0.66 18.21
C GLU A 206 -17.97 -0.42 16.95
N LEU A 207 -18.13 0.78 16.41
CA LEU A 207 -17.59 1.14 15.12
C LEU A 207 -17.17 2.61 15.16
N ALA A 208 -15.96 2.88 14.69
CA ALA A 208 -15.51 4.25 14.55
C ALA A 208 -14.73 4.39 13.27
N ILE A 209 -14.89 5.53 12.61
CA ILE A 209 -14.17 5.82 11.39
C ILE A 209 -13.57 7.20 11.49
N ILE A 210 -12.26 7.30 11.27
CA ILE A 210 -11.70 8.62 11.22
C ILE A 210 -11.22 8.84 9.82
N HIS A 211 -11.55 10.00 9.28
CA HIS A 211 -11.36 10.29 7.89
C HIS A 211 -10.24 11.30 7.80
N GLY A 212 -9.18 10.96 7.05
CA GLY A 212 -8.01 11.82 6.97
C GLY A 212 -7.64 12.22 5.55
N PRO A 213 -8.08 13.41 5.14
CA PRO A 213 -7.72 13.94 3.82
C PRO A 213 -6.20 14.10 3.72
N PRO A 214 -5.67 14.24 2.50
CA PRO A 214 -4.24 14.47 2.25
C PRO A 214 -3.59 15.42 3.27
N GLY A 215 -2.54 14.96 3.95
CA GLY A 215 -1.71 15.85 4.76
C GLY A 215 -2.28 16.25 6.10
N THR A 216 -3.38 15.63 6.52
CA THR A 216 -4.02 15.99 7.78
C THR A 216 -3.54 15.24 9.03
N GLY A 217 -2.62 14.29 8.88
CA GLY A 217 -2.05 13.64 10.05
C GLY A 217 -2.89 12.48 10.58
N LYS A 218 -3.47 11.72 9.65
CA LYS A 218 -4.23 10.54 10.03
C LYS A 218 -3.40 9.62 10.92
N THR A 219 -2.27 9.12 10.41
CA THR A 219 -1.54 8.05 11.11
C THR A 219 -1.08 8.47 12.54
N THR A 220 -0.52 9.67 12.67
CA THR A 220 -0.39 10.37 13.96
C THR A 220 -1.64 10.28 14.88
N THR A 221 -2.83 10.37 14.31
CA THR A 221 -4.05 10.29 15.12
C THR A 221 -4.43 8.85 15.40
N VAL A 222 -4.12 7.95 14.45
CA VAL A 222 -4.32 6.52 14.69
C VAL A 222 -3.41 6.04 15.82
N VAL A 223 -2.21 6.60 15.87
CA VAL A 223 -1.23 6.20 16.86
C VAL A 223 -1.63 6.62 18.26
N GLU A 224 -1.97 7.89 18.43
CA GLU A 224 -2.52 8.38 19.68
C GLU A 224 -3.66 7.50 20.16
N ILE A 225 -4.62 7.27 19.28
CA ILE A 225 -5.76 6.44 19.64
C ILE A 225 -5.31 5.10 20.16
N ILE A 226 -4.28 4.54 19.55
CA ILE A 226 -3.77 3.24 19.97
C ILE A 226 -3.09 3.33 21.31
N LEU A 227 -2.23 4.34 21.48
CA LEU A 227 -1.64 4.60 22.80
C LEU A 227 -2.72 4.73 23.88
N GLN A 228 -3.82 5.42 23.56
CA GLN A 228 -4.86 5.62 24.59
C GLN A 228 -5.54 4.32 24.94
N ALA A 229 -5.68 3.43 23.96
CA ALA A 229 -6.33 2.16 24.22
C ALA A 229 -5.43 1.21 25.02
N VAL A 230 -4.14 1.27 24.77
CA VAL A 230 -3.21 0.52 25.61
C VAL A 230 -3.24 1.03 27.03
N LYS A 231 -3.39 2.35 27.16
CA LYS A 231 -3.40 3.00 28.46
C LYS A 231 -4.63 2.62 29.28
N GLN A 232 -5.75 2.40 28.60
CA GLN A 232 -6.94 1.84 29.25
C GLN A 232 -6.74 0.35 29.54
N GLY A 233 -5.56 -0.17 29.23
CA GLY A 233 -5.28 -1.58 29.43
C GLY A 233 -6.05 -2.50 28.49
N LEU A 234 -6.21 -2.07 27.25
CA LEU A 234 -6.90 -2.91 26.29
C LEU A 234 -5.90 -3.57 25.33
N LYS A 235 -6.28 -4.70 24.73
CA LYS A 235 -5.45 -5.37 23.74
C LYS A 235 -5.95 -5.00 22.35
N VAL A 236 -5.01 -4.73 21.44
CA VAL A 236 -5.29 -4.21 20.12
C VAL A 236 -4.65 -5.03 18.98
N LEU A 237 -5.47 -5.53 18.06
CA LEU A 237 -4.98 -6.10 16.81
C LEU A 237 -5.07 -4.96 15.81
N CYS A 238 -3.93 -4.52 15.31
CA CYS A 238 -3.93 -3.38 14.41
C CYS A 238 -3.53 -3.83 13.00
N CYS A 239 -4.34 -3.50 12.02
CA CYS A 239 -4.05 -3.98 10.68
C CYS A 239 -4.10 -2.90 9.62
N ALA A 240 -3.52 -3.23 8.47
CA ALA A 240 -3.68 -2.46 7.25
C ALA A 240 -3.63 -3.46 6.09
N PRO A 241 -4.08 -3.03 4.90
CA PRO A 241 -3.96 -3.87 3.69
C PRO A 241 -2.54 -3.99 3.13
N SER A 242 -1.64 -3.04 3.42
CA SER A 242 -0.28 -3.10 2.88
C SER A 242 0.80 -3.26 3.95
N ASN A 243 1.88 -3.94 3.58
CA ASN A 243 3.07 -4.01 4.41
C ASN A 243 3.50 -2.63 4.83
N ILE A 244 3.51 -1.71 3.87
CA ILE A 244 4.10 -0.40 4.10
C ILE A 244 3.29 0.35 5.14
N ALA A 245 1.96 0.18 5.09
CA ALA A 245 1.09 0.85 6.02
C ALA A 245 1.38 0.29 7.40
N VAL A 246 1.48 -1.04 7.49
CA VAL A 246 1.79 -1.74 8.73
C VAL A 246 3.15 -1.30 9.34
N ASP A 247 4.15 -1.12 8.48
CA ASP A 247 5.50 -0.79 8.93
C ASP A 247 5.59 0.64 9.44
N ASN A 248 4.73 1.51 8.93
CA ASN A 248 4.82 2.89 9.37
C ASN A 248 4.28 2.99 10.77
N LEU A 249 3.26 2.20 11.03
CA LEU A 249 2.65 2.13 12.35
C LEU A 249 3.68 1.52 13.27
N VAL A 250 4.37 0.47 12.81
CA VAL A 250 5.34 -0.20 13.67
C VAL A 250 6.42 0.78 14.11
N GLU A 251 6.98 1.49 13.14
CA GLU A 251 7.96 2.53 13.40
C GLU A 251 7.45 3.49 14.47
N ARG A 252 6.23 4.00 14.30
CA ARG A 252 5.67 5.02 15.19
C ARG A 252 5.51 4.50 16.63
N LEU A 253 4.75 3.43 16.77
CA LEU A 253 4.58 2.76 18.04
C LEU A 253 5.92 2.47 18.71
N ALA A 254 6.90 2.03 17.94
CA ALA A 254 8.22 1.71 18.46
C ALA A 254 8.89 2.94 19.05
N LEU A 255 8.80 4.07 18.35
CA LEU A 255 9.40 5.29 18.89
C LEU A 255 8.70 5.71 20.19
N CYS A 256 7.42 5.37 20.31
CA CYS A 256 6.65 5.66 21.51
C CYS A 256 6.77 4.52 22.52
N LYS A 257 7.88 3.80 22.41
CA LYS A 257 8.25 2.71 23.30
C LYS A 257 7.07 1.81 23.73
N GLN A 258 6.29 1.36 22.77
CA GLN A 258 5.17 0.48 23.03
C GLN A 258 5.51 -1.01 22.89
N ARG A 259 4.65 -1.85 23.43
CA ARG A 259 4.90 -3.29 23.48
C ARG A 259 4.14 -3.95 22.36
N ILE A 260 4.84 -4.17 21.25
CA ILE A 260 4.20 -4.56 20.00
C ILE A 260 4.84 -5.78 19.39
N LEU A 261 4.09 -6.40 18.50
CA LEU A 261 4.58 -7.55 17.80
C LEU A 261 3.99 -7.52 16.41
N ARG A 262 4.86 -7.48 15.41
CA ARG A 262 4.41 -7.51 14.05
C ARG A 262 4.50 -8.91 13.51
N LEU A 263 3.36 -9.48 13.13
CA LEU A 263 3.34 -10.68 12.34
C LEU A 263 3.99 -10.33 11.01
N GLY A 264 5.28 -10.68 10.87
CA GLY A 264 6.16 -10.24 9.79
C GLY A 264 5.71 -10.69 8.41
N HIS A 265 6.48 -10.38 7.37
CA HIS A 265 7.74 -9.65 7.49
C HIS A 265 7.58 -8.24 6.94
N PRO A 266 8.45 -7.31 7.35
CA PRO A 266 8.35 -5.91 6.94
C PRO A 266 8.75 -5.73 5.48
N ALA A 267 8.25 -4.68 4.85
CA ALA A 267 8.71 -4.27 3.53
C ALA A 267 9.81 -3.21 3.64
N ARG A 268 9.68 -2.30 4.60
CA ARG A 268 10.73 -1.33 4.84
C ARG A 268 11.85 -1.96 5.67
N LEU A 269 13.06 -1.49 5.50
CA LEU A 269 14.18 -2.21 6.06
C LEU A 269 14.77 -1.55 7.29
N LEU A 270 14.23 -0.39 7.64
CA LEU A 270 14.65 0.32 8.85
C LEU A 270 14.84 -0.62 10.05
N GLU A 271 15.98 -0.49 10.73
CA GLU A 271 16.29 -1.37 11.84
C GLU A 271 15.19 -1.35 12.89
N SER A 272 14.85 -0.13 13.32
CA SER A 272 13.77 0.06 14.27
C SER A 272 12.62 -0.91 14.01
N ILE A 273 12.29 -1.12 12.74
CA ILE A 273 11.13 -1.90 12.34
C ILE A 273 11.36 -3.40 12.29
N GLN A 274 12.57 -3.78 11.88
CA GLN A 274 12.94 -5.20 11.81
C GLN A 274 12.98 -5.82 13.21
N GLN A 275 13.32 -5.02 14.22
CA GLN A 275 13.35 -5.47 15.62
C GLN A 275 12.04 -6.13 16.05
N HIS A 276 10.90 -5.64 15.55
CA HIS A 276 9.62 -6.00 16.16
C HIS A 276 8.80 -7.04 15.42
N SER A 277 9.43 -7.77 14.50
CA SER A 277 8.73 -8.82 13.78
C SER A 277 8.90 -10.12 14.55
N LEU A 278 7.90 -11.00 14.46
CA LEU A 278 7.89 -12.26 15.18
C LEU A 278 9.25 -12.97 15.27
N ASP A 279 9.88 -13.23 14.12
CA ASP A 279 11.11 -14.04 14.15
C ASP A 279 12.24 -13.43 14.98
N ALA A 280 12.31 -12.09 15.00
CA ALA A 280 13.35 -11.37 15.74
C ALA A 280 12.91 -11.09 17.17
N VAL A 281 11.68 -11.48 17.47
CA VAL A 281 11.17 -11.39 18.83
C VAL A 281 11.49 -12.71 19.49
N LEU A 282 11.22 -13.79 18.78
CA LEU A 282 11.53 -15.12 19.28
C LEU A 282 13.05 -15.24 19.41
N ALA A 283 13.75 -14.92 18.33
CA ALA A 283 15.22 -15.02 18.28
C ALA A 283 15.89 -14.21 19.39
N ARG A 284 15.12 -13.34 20.05
CA ARG A 284 15.58 -12.64 21.25
C ARG A 284 15.16 -13.42 22.50
N SER A 285 15.60 -14.67 22.58
CA SER A 285 15.35 -15.49 23.75
C SER A 285 13.86 -15.67 23.99
N ASP A 286 13.50 -16.56 24.91
CA ASP A 286 14.48 -17.41 25.58
C ASP A 286 14.70 -18.70 24.81
N SER A 287 15.03 -18.60 23.53
CA SER A 287 15.30 -19.80 22.74
C SER A 287 16.48 -19.70 21.78
N ALA A 288 17.59 -20.32 22.20
CA ALA A 288 18.73 -20.63 21.34
C ALA A 288 18.62 -22.12 21.05
N GLN A 289 17.57 -22.70 21.62
CA GLN A 289 17.25 -24.11 21.48
C GLN A 289 16.63 -24.38 20.12
N ILE A 290 15.67 -23.55 19.74
CA ILE A 290 14.87 -23.77 18.53
C ILE A 290 15.67 -23.67 17.22
N VAL A 291 16.78 -22.93 17.26
CA VAL A 291 17.70 -22.90 16.13
C VAL A 291 18.59 -24.13 16.17
N ALA A 292 18.72 -24.73 17.37
CA ALA A 292 19.39 -26.00 17.50
C ALA A 292 18.47 -27.17 17.08
N ASP A 293 17.20 -26.86 16.78
CA ASP A 293 16.33 -27.83 16.11
C ASP A 293 16.46 -27.62 14.62
N ILE A 294 16.39 -26.35 14.22
CA ILE A 294 16.60 -25.96 12.85
C ILE A 294 17.92 -26.51 12.36
N ARG A 295 19.02 -26.06 12.97
CA ARG A 295 20.30 -26.59 12.59
C ARG A 295 20.16 -28.08 12.51
N LYS A 296 19.83 -28.72 13.62
CA LYS A 296 19.73 -30.18 13.64
C LYS A 296 19.11 -30.82 12.39
N ASP A 297 18.09 -30.20 11.81
CA ASP A 297 17.49 -30.83 10.63
C ASP A 297 17.97 -30.25 9.29
N ILE A 298 18.31 -28.96 9.27
CA ILE A 298 18.94 -28.37 8.09
C ILE A 298 20.40 -28.82 8.11
N ASP A 299 20.79 -29.39 9.25
CA ASP A 299 22.13 -29.92 9.48
C ASP A 299 22.13 -31.39 9.07
N GLN A 300 21.00 -31.86 8.58
CA GLN A 300 20.90 -33.25 8.17
C GLN A 300 20.38 -33.38 6.75
N VAL A 301 19.69 -32.35 6.25
CA VAL A 301 19.42 -32.28 4.82
C VAL A 301 20.79 -32.13 4.15
N PHE A 302 21.78 -31.82 4.98
CA PHE A 302 23.18 -31.89 4.60
C PHE A 302 23.50 -33.36 4.33
N VAL A 303 23.49 -34.15 5.39
CA VAL A 303 23.69 -35.60 5.29
C VAL A 303 22.55 -36.21 4.48
N LYS A 304 21.78 -35.37 3.80
CA LYS A 304 20.71 -35.86 2.96
C LYS A 304 21.30 -36.56 1.75
N ASN A 305 22.29 -35.93 1.14
CA ASN A 305 22.94 -36.51 -0.03
C ASN A 305 23.87 -37.65 0.36
N LYS A 306 23.28 -38.83 0.53
CA LYS A 306 24.05 -40.06 0.73
C LYS A 306 23.45 -41.14 -0.15
N LYS A 307 22.12 -41.21 -0.20
CA LYS A 307 21.45 -42.05 -1.19
C LYS A 307 21.71 -43.54 -0.96
N LYS A 314 18.26 -43.60 1.45
CA LYS A 314 18.02 -42.16 1.49
C LYS A 314 16.82 -41.81 2.35
N SER A 315 15.79 -42.63 2.29
CA SER A 315 14.63 -42.48 3.16
C SER A 315 14.97 -43.05 4.52
N ASN A 316 13.96 -43.18 5.38
CA ASN A 316 14.20 -43.42 6.80
C ASN A 316 14.86 -42.19 7.40
N PHE A 317 15.47 -41.38 6.53
CA PHE A 317 15.89 -40.03 6.84
C PHE A 317 14.65 -39.21 7.13
N ARG A 318 13.63 -39.43 6.31
CA ARG A 318 12.40 -38.67 6.38
C ARG A 318 11.78 -38.73 7.78
N ASN A 319 11.70 -39.92 8.35
CA ASN A 319 11.14 -40.10 9.69
C ASN A 319 11.85 -39.25 10.72
N GLU A 320 13.11 -38.96 10.46
CA GLU A 320 13.95 -38.25 11.44
C GLU A 320 13.67 -36.76 11.45
N ILE A 321 13.39 -36.19 10.29
CA ILE A 321 12.97 -34.79 10.22
C ILE A 321 11.52 -34.67 10.66
N LYS A 322 10.70 -35.65 10.26
CA LYS A 322 9.32 -35.70 10.71
C LYS A 322 9.31 -35.45 12.20
N LEU A 323 10.31 -36.00 12.87
CA LEU A 323 10.47 -35.90 14.32
C LEU A 323 10.91 -34.50 14.76
N LEU A 324 12.00 -34.02 14.19
CA LEU A 324 12.53 -32.69 14.49
C LEU A 324 11.51 -31.62 14.07
N ARG A 325 10.75 -31.93 13.04
CA ARG A 325 9.70 -31.03 12.57
C ARG A 325 8.66 -30.84 13.66
N LYS A 326 8.11 -31.95 14.15
CA LYS A 326 7.04 -31.88 15.14
C LYS A 326 7.49 -31.28 16.46
N GLU A 327 8.78 -31.39 16.75
CA GLU A 327 9.33 -30.77 17.95
C GLU A 327 9.55 -29.28 17.76
N LEU A 328 10.04 -28.88 16.60
CA LEU A 328 10.19 -27.48 16.30
C LEU A 328 8.84 -26.81 16.48
N LYS A 329 7.81 -27.45 15.94
CA LYS A 329 6.45 -26.92 16.00
C LYS A 329 6.03 -26.65 17.43
N GLU A 330 5.94 -27.71 18.22
CA GLU A 330 5.51 -27.55 19.61
C GLU A 330 6.32 -26.50 20.35
N ARG A 331 7.63 -26.46 20.13
CA ARG A 331 8.46 -25.46 20.79
C ARG A 331 8.21 -24.04 20.26
N GLU A 332 8.13 -23.89 18.94
CA GLU A 332 7.87 -22.61 18.29
C GLU A 332 6.49 -22.01 18.65
N GLU A 333 5.46 -22.86 18.66
CA GLU A 333 4.12 -22.42 18.98
C GLU A 333 4.04 -21.87 20.39
N ALA A 334 4.91 -22.35 21.25
CA ALA A 334 4.87 -21.96 22.66
C ALA A 334 5.51 -20.59 22.86
N ALA A 335 6.66 -20.39 22.23
CA ALA A 335 7.38 -19.13 22.34
C ALA A 335 6.59 -18.05 21.62
N MET A 336 5.89 -18.48 20.57
CA MET A 336 4.98 -17.61 19.84
C MET A 336 3.86 -17.13 20.74
N LEU A 337 3.05 -18.07 21.25
CA LEU A 337 1.92 -17.70 22.10
C LEU A 337 2.36 -16.79 23.23
N GLU A 338 3.61 -16.95 23.67
CA GLU A 338 4.14 -16.09 24.72
C GLU A 338 4.35 -14.67 24.21
N SER A 339 5.10 -14.56 23.12
CA SER A 339 5.40 -13.27 22.54
C SER A 339 4.12 -12.54 22.19
N LEU A 340 3.16 -13.28 21.63
CA LEU A 340 1.84 -12.76 21.35
C LEU A 340 1.22 -12.24 22.64
N THR A 341 1.14 -13.15 23.60
CA THR A 341 0.41 -12.92 24.83
C THR A 341 0.92 -11.75 25.66
N SER A 342 2.14 -11.31 25.42
CA SER A 342 2.71 -10.21 26.22
C SER A 342 2.82 -8.89 25.46
N ALA A 343 2.45 -8.87 24.19
CA ALA A 343 2.37 -7.61 23.46
C ALA A 343 1.03 -6.95 23.77
N ASN A 344 1.02 -5.63 23.81
CA ASN A 344 -0.23 -4.88 23.97
C ASN A 344 -0.88 -4.60 22.63
N VAL A 345 -0.05 -4.54 21.60
CA VAL A 345 -0.50 -4.39 20.23
C VAL A 345 0.18 -5.38 19.30
N VAL A 346 -0.63 -6.23 18.68
CA VAL A 346 -0.18 -7.11 17.62
C VAL A 346 -0.51 -6.49 16.26
N LEU A 347 0.50 -6.38 15.39
CA LEU A 347 0.36 -5.74 14.08
C LEU A 347 0.53 -6.71 12.90
N ALA A 348 -0.34 -6.57 11.90
CA ALA A 348 -0.33 -7.47 10.75
C ALA A 348 -1.09 -6.86 9.58
N THR A 349 -0.70 -7.22 8.37
CA THR A 349 -1.54 -6.88 7.24
C THR A 349 -2.83 -7.66 7.44
N ASN A 350 -3.91 -7.22 6.82
CA ASN A 350 -5.20 -7.88 7.00
C ASN A 350 -5.08 -9.37 6.80
N THR A 351 -4.44 -9.77 5.71
CA THR A 351 -4.23 -11.19 5.42
C THR A 351 -3.40 -11.89 6.52
N GLY A 352 -2.27 -11.29 6.88
CA GLY A 352 -1.40 -11.87 7.90
C GLY A 352 -2.17 -12.20 9.17
N ALA A 353 -3.24 -11.46 9.42
CA ALA A 353 -3.98 -11.62 10.64
C ALA A 353 -4.94 -12.79 10.53
N SER A 354 -4.62 -13.76 9.67
CA SER A 354 -5.56 -14.83 9.39
C SER A 354 -5.66 -15.86 10.51
N ALA A 355 -6.73 -16.64 10.44
CA ALA A 355 -7.07 -17.62 11.47
C ALA A 355 -6.20 -18.88 11.41
N ASP A 356 -5.33 -18.97 10.42
CA ASP A 356 -4.36 -20.05 10.39
C ASP A 356 -3.01 -19.53 10.87
N GLY A 357 -2.71 -18.28 10.53
CA GLY A 357 -1.52 -17.63 11.02
C GLY A 357 -1.40 -17.67 12.53
N PRO A 358 -0.28 -17.15 13.05
CA PRO A 358 0.08 -17.11 14.48
C PRO A 358 -1.12 -16.92 15.40
N LEU A 359 -2.13 -16.21 14.92
CA LEU A 359 -3.23 -15.80 15.77
C LEU A 359 -4.11 -16.95 16.21
N LYS A 360 -4.04 -18.08 15.51
CA LYS A 360 -4.78 -19.27 15.93
C LYS A 360 -4.48 -19.58 17.40
N LEU A 361 -3.25 -19.27 17.82
CA LEU A 361 -2.75 -19.62 19.15
C LEU A 361 -3.45 -18.91 20.31
N LEU A 362 -3.83 -17.65 20.09
CA LEU A 362 -4.53 -16.87 21.10
C LEU A 362 -5.93 -17.43 21.34
N PRO A 363 -6.42 -17.31 22.59
CA PRO A 363 -7.80 -17.66 22.91
C PRO A 363 -8.73 -16.62 22.33
N GLU A 364 -9.79 -17.04 21.65
CA GLU A 364 -10.74 -16.08 21.12
C GLU A 364 -11.12 -15.15 22.26
N SER A 365 -11.65 -13.99 21.93
CA SER A 365 -12.02 -13.01 22.94
C SER A 365 -10.77 -12.46 23.62
N TYR A 366 -9.62 -12.63 22.98
CA TYR A 366 -8.39 -12.04 23.49
C TYR A 366 -8.34 -10.53 23.22
N PHE A 367 -8.49 -10.15 21.95
CA PHE A 367 -8.42 -8.73 21.57
C PHE A 367 -9.73 -7.98 21.88
N ASP A 368 -9.60 -6.69 22.15
CA ASP A 368 -10.76 -5.84 22.37
C ASP A 368 -11.07 -5.04 21.11
N VAL A 369 -10.06 -4.34 20.61
CA VAL A 369 -10.23 -3.47 19.47
C VAL A 369 -9.38 -3.88 18.28
N VAL A 370 -10.01 -3.99 17.12
CA VAL A 370 -9.28 -4.08 15.87
C VAL A 370 -9.23 -2.69 15.26
N VAL A 371 -8.04 -2.26 14.86
CA VAL A 371 -7.85 -1.03 14.12
C VAL A 371 -7.45 -1.39 12.70
N ILE A 372 -8.06 -0.75 11.73
CA ILE A 372 -7.68 -0.97 10.35
C ILE A 372 -7.37 0.36 9.73
N ASP A 373 -6.10 0.56 9.41
CA ASP A 373 -5.66 1.79 8.80
C ASP A 373 -5.68 1.60 7.29
N GLU A 374 -5.82 2.71 6.56
CA GLU A 374 -5.90 2.66 5.11
C GLU A 374 -6.98 1.65 4.74
N CYS A 375 -8.09 1.72 5.45
CA CYS A 375 -9.20 0.82 5.19
C CYS A 375 -9.78 1.11 3.79
N ALA A 376 -9.86 2.40 3.44
CA ALA A 376 -10.37 2.81 2.13
C ALA A 376 -9.55 2.28 0.94
N GLN A 377 -8.35 1.76 1.23
CA GLN A 377 -7.50 1.17 0.19
C GLN A 377 -7.64 -0.36 0.19
N ALA A 378 -8.37 -0.91 1.15
CA ALA A 378 -8.50 -2.36 1.29
C ALA A 378 -9.87 -2.84 0.84
N LEU A 379 -9.93 -4.05 0.26
CA LEU A 379 -11.22 -4.58 -0.18
C LEU A 379 -11.92 -5.32 0.95
N GLU A 380 -13.22 -5.06 1.10
CA GLU A 380 -13.95 -5.47 2.29
C GLU A 380 -13.75 -6.92 2.72
N ALA A 381 -13.54 -7.81 1.75
CA ALA A 381 -13.32 -9.21 2.07
C ALA A 381 -12.10 -9.37 2.98
N SER A 382 -11.07 -8.57 2.75
CA SER A 382 -9.85 -8.63 3.56
C SER A 382 -10.08 -8.12 4.99
N CYS A 383 -10.94 -7.12 5.12
CA CYS A 383 -11.21 -6.53 6.43
C CYS A 383 -11.89 -7.50 7.40
N TRP A 384 -12.63 -8.46 6.85
CA TRP A 384 -13.34 -9.44 7.69
C TRP A 384 -12.43 -10.57 8.16
N ILE A 385 -11.13 -10.43 7.98
CA ILE A 385 -10.21 -11.35 8.62
C ILE A 385 -9.97 -10.92 10.08
N PRO A 386 -9.41 -9.72 10.27
CA PRO A 386 -9.25 -9.28 11.66
C PRO A 386 -10.58 -8.88 12.29
N LEU A 387 -11.44 -8.27 11.51
CA LEU A 387 -12.60 -7.56 12.03
C LEU A 387 -13.37 -8.38 13.04
N LEU A 388 -13.44 -9.69 12.84
CA LEU A 388 -14.20 -10.53 13.75
C LEU A 388 -13.33 -11.22 14.79
N LYS A 389 -12.30 -10.51 15.24
CA LYS A 389 -11.43 -10.98 16.30
C LYS A 389 -11.64 -10.10 17.53
N ALA A 390 -12.60 -9.17 17.41
CA ALA A 390 -12.88 -8.23 18.49
C ALA A 390 -14.34 -7.77 18.44
N ARG A 391 -14.76 -7.07 19.48
CA ARG A 391 -16.13 -6.57 19.56
C ARG A 391 -16.21 -5.18 18.97
N LYS A 392 -15.05 -4.55 18.80
CA LYS A 392 -15.01 -3.17 18.36
C LYS A 392 -13.92 -2.96 17.31
N CYS A 393 -14.24 -2.18 16.28
CA CYS A 393 -13.29 -1.87 15.22
C CYS A 393 -13.15 -0.36 15.03
N ILE A 394 -11.96 0.06 14.60
CA ILE A 394 -11.69 1.45 14.30
C ILE A 394 -11.07 1.56 12.94
N LEU A 395 -11.81 2.17 12.00
CA LEU A 395 -11.38 2.26 10.61
C LEU A 395 -10.78 3.63 10.33
N ALA A 396 -9.71 3.67 9.56
CA ALA A 396 -9.07 4.93 9.25
C ALA A 396 -8.53 4.97 7.82
N GLY A 397 -8.52 6.16 7.25
CA GLY A 397 -8.05 6.36 5.89
C GLY A 397 -8.84 7.42 5.13
N ASP A 398 -8.77 7.37 3.81
CA ASP A 398 -9.45 8.33 2.99
C ASP A 398 -10.13 7.65 1.81
N HIS A 399 -11.45 7.56 1.86
CA HIS A 399 -12.20 6.91 0.79
C HIS A 399 -12.42 7.88 -0.36
N LYS A 400 -11.85 9.07 -0.26
CA LYS A 400 -11.85 10.02 -1.38
C LYS A 400 -10.55 9.87 -2.19
N GLN A 401 -9.76 8.87 -1.83
CA GLN A 401 -8.58 8.55 -2.62
C GLN A 401 -8.74 7.13 -3.15
N LEU A 402 -7.65 6.58 -3.68
CA LEU A 402 -7.72 5.35 -4.47
C LEU A 402 -8.33 4.21 -3.68
N PRO A 403 -9.31 3.54 -4.28
CA PRO A 403 -9.93 2.33 -3.75
C PRO A 403 -9.04 1.12 -4.01
N PRO A 404 -9.39 -0.03 -3.43
CA PRO A 404 -8.57 -1.22 -3.65
C PRO A 404 -8.52 -1.51 -5.14
N THR A 405 -7.34 -1.85 -5.64
CA THR A 405 -7.17 -2.14 -7.06
C THR A 405 -7.64 -3.57 -7.38
N THR A 406 -8.13 -3.76 -8.61
CA THR A 406 -8.54 -5.07 -9.11
C THR A 406 -8.04 -5.30 -10.56
N VAL A 407 -8.12 -6.54 -11.02
CA VAL A 407 -7.72 -6.87 -12.38
C VAL A 407 -8.98 -6.95 -13.24
N SER A 408 -10.00 -7.56 -12.66
CA SER A 408 -11.31 -7.67 -13.27
C SER A 408 -12.14 -6.41 -12.99
N HIS A 409 -12.06 -5.45 -13.92
CA HIS A 409 -12.84 -4.22 -13.83
C HIS A 409 -14.33 -4.51 -13.63
N LYS A 410 -14.85 -5.44 -14.43
CA LYS A 410 -16.25 -5.82 -14.31
C LYS A 410 -16.60 -6.33 -12.90
N ALA A 411 -15.61 -6.85 -12.18
CA ALA A 411 -15.80 -7.24 -10.79
C ALA A 411 -15.82 -6.01 -9.88
N ALA A 412 -14.90 -5.08 -10.17
CA ALA A 412 -14.79 -3.83 -9.42
C ALA A 412 -16.13 -3.09 -9.36
N LEU A 413 -16.67 -2.78 -10.54
CA LEU A 413 -17.98 -2.14 -10.65
C LEU A 413 -18.98 -2.90 -9.81
N ALA A 414 -19.00 -4.21 -10.00
CA ALA A 414 -19.90 -5.10 -9.30
C ALA A 414 -19.89 -4.85 -7.79
N GLY A 415 -18.85 -4.20 -7.29
CA GLY A 415 -18.82 -3.78 -5.90
C GLY A 415 -17.53 -4.10 -5.17
N LEU A 416 -16.56 -4.59 -5.93
CA LEU A 416 -15.25 -4.93 -5.37
C LEU A 416 -14.45 -3.64 -5.09
N SER A 417 -14.78 -2.58 -5.80
CA SER A 417 -14.19 -1.26 -5.57
C SER A 417 -14.66 -0.66 -4.25
N LEU A 418 -15.80 -1.14 -3.77
CA LEU A 418 -16.42 -0.55 -2.60
C LEU A 418 -15.80 -1.09 -1.32
N SER A 419 -14.99 -0.26 -0.66
CA SER A 419 -14.34 -0.66 0.58
C SER A 419 -15.29 -0.55 1.78
N LEU A 420 -14.91 -1.16 2.90
CA LEU A 420 -15.76 -1.13 4.10
C LEU A 420 -15.97 0.30 4.55
N MET A 421 -14.87 1.01 4.76
CA MET A 421 -14.91 2.38 5.23
C MET A 421 -15.80 3.28 4.36
N GLU A 422 -15.58 3.28 3.04
CA GLU A 422 -16.39 4.14 2.18
C GLU A 422 -17.89 3.93 2.35
N ARG A 423 -18.37 2.71 2.13
CA ARG A 423 -19.80 2.45 2.25
C ARG A 423 -20.36 2.89 3.62
N LEU A 424 -19.70 2.48 4.70
CA LEU A 424 -20.11 2.87 6.04
C LEU A 424 -20.10 4.38 6.23
N ALA A 425 -19.20 5.08 5.57
CA ALA A 425 -19.15 6.52 5.69
C ALA A 425 -20.35 7.16 5.01
N GLU A 426 -20.56 6.84 3.73
CA GLU A 426 -21.71 7.37 3.01
C GLU A 426 -22.97 6.96 3.77
N GLU A 427 -22.98 5.69 4.15
CA GLU A 427 -24.01 5.12 5.01
C GLU A 427 -24.28 5.96 6.26
N TYR A 428 -23.34 5.95 7.20
CA TYR A 428 -23.58 6.54 8.52
C TYR A 428 -23.14 8.01 8.68
N GLY A 429 -22.28 8.51 7.80
CA GLY A 429 -21.79 9.86 7.91
C GLY A 429 -21.24 10.17 9.31
N ALA A 430 -21.74 11.25 9.93
CA ALA A 430 -21.18 11.76 11.19
C ALA A 430 -21.68 11.04 12.44
N ARG A 431 -22.55 10.05 12.23
CA ARG A 431 -22.95 9.15 13.32
C ARG A 431 -21.74 8.34 13.77
N VAL A 432 -20.66 8.43 13.00
CA VAL A 432 -19.56 7.50 13.12
C VAL A 432 -18.25 8.08 12.60
N VAL A 433 -18.32 8.87 11.53
CA VAL A 433 -17.12 9.46 10.94
C VAL A 433 -16.69 10.78 11.59
N ARG A 434 -15.40 10.87 11.90
CA ARG A 434 -14.77 12.15 12.20
C ARG A 434 -13.67 12.38 11.18
N THR A 435 -13.62 13.59 10.63
CA THR A 435 -12.65 13.91 9.61
C THR A 435 -11.65 14.96 10.12
N LEU A 436 -10.38 14.78 9.81
CA LEU A 436 -9.36 15.76 10.16
C LEU A 436 -9.47 16.88 9.16
N THR A 437 -9.05 18.10 9.53
CA THR A 437 -9.32 19.26 8.68
C THR A 437 -8.14 20.18 8.50
N VAL A 438 -7.14 20.05 9.35
CA VAL A 438 -5.95 20.87 9.17
C VAL A 438 -4.86 20.05 8.45
N GLN A 439 -4.35 20.59 7.35
CA GLN A 439 -3.38 19.85 6.56
C GLN A 439 -2.02 20.52 6.60
N TYR A 440 -0.96 19.68 6.56
CA TYR A 440 0.40 20.17 6.76
C TYR A 440 1.33 19.99 5.57
N ARG A 441 0.78 19.89 4.37
CA ARG A 441 1.57 19.60 3.17
C ARG A 441 1.55 20.74 2.14
N MET A 442 0.34 21.15 1.75
CA MET A 442 0.12 21.98 0.57
C MET A 442 -0.04 23.47 0.80
N HIS A 443 0.50 24.24 -0.14
CA HIS A 443 0.10 25.64 -0.32
C HIS A 443 -1.43 25.76 -0.39
N GLN A 444 -1.98 26.78 0.28
CA GLN A 444 -3.43 26.99 0.35
C GLN A 444 -4.12 26.92 -1.02
N ALA A 445 -3.48 27.48 -2.04
CA ALA A 445 -4.02 27.41 -3.40
C ALA A 445 -4.14 25.98 -3.96
N ILE A 446 -3.24 25.08 -3.56
CA ILE A 446 -3.35 23.68 -3.98
C ILE A 446 -4.45 23.00 -3.17
N MET A 447 -4.33 23.10 -1.84
CA MET A 447 -5.34 22.59 -0.90
C MET A 447 -6.76 22.97 -1.29
N ARG A 448 -6.94 24.24 -1.64
CA ARG A 448 -8.28 24.82 -1.81
C ARG A 448 -9.09 24.10 -2.88
N TRP A 449 -8.43 23.71 -3.97
CA TRP A 449 -9.09 22.94 -5.02
C TRP A 449 -9.56 21.58 -4.53
N ALA A 450 -8.73 20.87 -3.77
CA ALA A 450 -9.13 19.57 -3.27
C ALA A 450 -10.15 19.73 -2.15
N SER A 451 -9.90 20.69 -1.26
CA SER A 451 -10.85 21.02 -0.21
C SER A 451 -12.26 21.13 -0.73
N ASP A 452 -12.43 21.91 -1.78
CA ASP A 452 -13.77 22.23 -2.24
C ASP A 452 -14.37 21.15 -3.13
N THR A 453 -13.55 20.52 -3.97
CA THR A 453 -14.15 19.57 -4.89
C THR A 453 -14.33 18.23 -4.22
N MET A 454 -13.55 17.97 -3.19
CA MET A 454 -13.54 16.63 -2.63
C MET A 454 -13.91 16.56 -1.16
N TYR A 455 -13.55 17.60 -0.41
CA TYR A 455 -13.70 17.55 1.03
C TYR A 455 -14.60 18.67 1.62
N LEU A 456 -15.61 19.06 0.85
CA LEU A 456 -16.63 20.02 1.29
C LEU A 456 -16.10 21.34 1.84
N GLY A 457 -14.92 21.76 1.39
CA GLY A 457 -14.37 23.07 1.75
C GLY A 457 -13.92 23.12 3.19
N GLN A 458 -13.82 21.95 3.80
CA GLN A 458 -13.52 21.88 5.22
C GLN A 458 -12.02 22.05 5.53
N LEU A 459 -11.15 21.68 4.59
CA LEU A 459 -9.72 21.75 4.86
C LEU A 459 -9.20 23.15 5.11
N THR A 460 -8.12 23.20 5.88
CA THR A 460 -7.50 24.41 6.36
C THR A 460 -6.01 24.14 6.32
N ALA A 461 -5.23 25.17 6.06
CA ALA A 461 -3.82 24.97 5.83
C ALA A 461 -3.06 25.44 7.05
N HIS A 462 -2.33 24.52 7.65
CA HIS A 462 -1.46 24.91 8.73
C HIS A 462 -0.58 26.03 8.23
N SER A 463 -0.20 26.93 9.11
CA SER A 463 0.51 28.13 8.72
C SER A 463 1.91 27.85 8.20
N SER A 464 2.42 26.66 8.47
CA SER A 464 3.78 26.30 8.08
C SER A 464 3.87 25.81 6.61
N VAL A 465 2.73 25.54 5.99
CA VAL A 465 2.75 25.15 4.58
C VAL A 465 1.99 26.11 3.67
N ALA A 466 0.86 26.64 4.14
CA ALA A 466 0.19 27.73 3.44
C ALA A 466 1.30 28.67 3.02
N ARG A 467 1.15 29.35 1.91
CA ARG A 467 2.22 30.29 1.50
C ARG A 467 3.58 29.75 0.98
N HIS A 468 3.97 28.51 1.29
CA HIS A 468 5.34 28.09 0.89
C HIS A 468 5.50 27.85 -0.62
N LEU A 469 6.59 28.41 -1.18
CA LEU A 469 6.87 28.30 -2.60
C LEU A 469 8.22 27.65 -2.83
N LEU A 470 8.53 27.40 -4.08
CA LEU A 470 9.76 26.75 -4.45
C LEU A 470 10.92 27.73 -4.29
N ARG A 471 10.67 29.01 -4.54
CA ARG A 471 11.72 30.03 -4.34
C ARG A 471 12.13 30.17 -2.86
N ASP A 472 11.30 29.66 -1.94
CA ASP A 472 11.62 29.71 -0.50
C ASP A 472 12.69 28.68 -0.16
N LEU A 473 12.79 27.66 -1.01
CA LEU A 473 13.72 26.56 -0.84
C LEU A 473 15.15 27.09 -0.90
N PRO A 474 16.02 26.52 -0.06
CA PRO A 474 17.44 26.87 -0.02
C PRO A 474 18.11 26.56 -1.34
N GLY A 475 18.77 27.56 -1.92
CA GLY A 475 19.46 27.35 -3.19
C GLY A 475 18.59 27.53 -4.43
N VAL A 476 17.28 27.63 -4.24
CA VAL A 476 16.36 27.84 -5.35
C VAL A 476 16.17 29.33 -5.63
N ALA A 477 16.35 29.72 -6.89
CA ALA A 477 16.27 31.11 -7.31
C ALA A 477 14.84 31.46 -7.59
N ALA A 478 14.54 32.75 -7.60
CA ALA A 478 13.17 33.21 -7.85
C ALA A 478 12.91 33.44 -9.33
N THR A 479 11.84 32.85 -9.81
CA THR A 479 11.65 32.56 -11.22
C THR A 479 10.15 32.65 -11.50
N GLU A 480 9.76 32.67 -12.77
CA GLU A 480 8.35 32.59 -13.09
C GLU A 480 7.79 31.22 -12.75
N GLU A 481 8.66 30.22 -12.61
CA GLU A 481 8.19 28.89 -12.31
C GLU A 481 8.25 28.62 -10.81
N THR A 482 9.30 29.11 -10.16
CA THR A 482 9.46 28.83 -8.74
C THR A 482 8.56 29.66 -7.81
N GLY A 483 8.05 30.78 -8.29
CA GLY A 483 7.30 31.67 -7.41
C GLY A 483 5.79 31.50 -7.52
N VAL A 484 5.37 30.42 -8.16
CA VAL A 484 3.95 30.15 -8.32
C VAL A 484 3.69 28.74 -7.85
N PRO A 485 2.55 28.52 -7.22
CA PRO A 485 2.24 27.20 -6.71
C PRO A 485 1.41 26.36 -7.70
N LEU A 486 0.87 27.03 -8.72
CA LEU A 486 -0.06 26.40 -9.68
C LEU A 486 0.33 26.73 -11.10
N LEU A 487 0.43 25.72 -11.94
CA LEU A 487 0.76 25.98 -13.34
C LEU A 487 0.07 25.00 -14.29
N LEU A 488 -0.50 25.54 -15.35
CA LEU A 488 -1.12 24.72 -16.37
C LEU A 488 -0.46 25.08 -17.67
N VAL A 489 0.12 24.10 -18.35
CA VAL A 489 0.44 24.33 -19.76
C VAL A 489 -0.44 23.42 -20.59
N ASP A 490 -1.15 24.09 -21.49
CA ASP A 490 -2.32 23.56 -22.17
C ASP A 490 -2.01 23.25 -23.63
N THR A 491 -2.48 22.09 -24.06
CA THR A 491 -2.06 21.49 -25.30
C THR A 491 -3.08 21.79 -26.38
N ALA A 492 -4.30 22.11 -25.95
CA ALA A 492 -5.32 22.60 -26.88
C ALA A 492 -4.83 23.93 -27.43
N GLY A 493 -4.74 24.04 -28.75
CA GLY A 493 -5.02 22.96 -29.68
C GLY A 493 -3.81 22.79 -30.60
N CYS A 494 -2.82 22.04 -30.13
CA CYS A 494 -1.53 22.09 -30.76
C CYS A 494 -1.16 20.79 -31.46
N GLY A 495 -2.16 19.94 -31.72
CA GLY A 495 -1.93 18.72 -32.45
C GLY A 495 -1.04 17.75 -31.68
N LEU A 496 -0.95 17.99 -30.36
CA LEU A 496 -0.22 17.12 -29.45
C LEU A 496 -1.12 15.98 -29.02
N PHE A 497 -1.49 15.14 -29.98
CA PHE A 497 -2.43 14.07 -29.71
C PHE A 497 -1.77 12.86 -29.06
N GLU A 498 -2.60 12.00 -28.49
CA GLU A 498 -2.14 10.77 -27.87
C GLU A 498 -1.67 9.78 -28.94
N LEU A 499 -1.53 8.52 -28.54
CA LEU A 499 -0.98 7.50 -29.40
C LEU A 499 -2.08 6.60 -30.01
N GLU A 500 -1.87 6.18 -31.26
CA GLU A 500 -2.82 5.32 -31.97
C GLU A 500 -4.28 5.81 -31.83
N SER A 506 -3.21 0.91 -22.81
CA SER A 506 -2.76 2.14 -22.16
C SER A 506 -2.60 3.28 -23.15
N LYS A 507 -2.15 4.42 -22.67
CA LYS A 507 -2.04 5.63 -23.49
C LYS A 507 -0.71 6.37 -23.29
N GLY A 508 -0.26 7.06 -24.34
CA GLY A 508 0.95 7.85 -24.29
C GLY A 508 0.83 9.08 -25.19
N ASN A 509 1.69 10.06 -24.97
CA ASN A 509 1.59 11.35 -25.66
C ASN A 509 2.95 12.01 -25.65
N PRO A 510 3.68 11.90 -26.77
CA PRO A 510 5.08 12.34 -26.83
C PRO A 510 5.20 13.86 -26.86
N GLY A 511 4.15 14.54 -27.31
CA GLY A 511 4.07 15.98 -27.14
C GLY A 511 4.17 16.37 -25.67
N GLU A 512 3.39 15.70 -24.82
CA GLU A 512 3.40 16.02 -23.40
C GLU A 512 4.78 15.72 -22.82
N VAL A 513 5.34 14.56 -23.20
CA VAL A 513 6.66 14.16 -22.72
C VAL A 513 7.72 15.27 -22.90
N ARG A 514 7.66 15.98 -24.02
CA ARG A 514 8.59 17.07 -24.31
C ARG A 514 8.30 18.31 -23.47
N LEU A 515 7.02 18.62 -23.26
CA LEU A 515 6.70 19.74 -22.36
C LEU A 515 7.16 19.49 -20.92
N VAL A 516 6.84 18.33 -20.35
CA VAL A 516 7.30 18.08 -18.98
C VAL A 516 8.83 18.04 -18.83
N SER A 517 9.56 17.64 -19.87
CA SER A 517 11.04 17.69 -19.80
C SER A 517 11.54 19.13 -19.78
N LEU A 518 10.95 19.94 -20.65
CA LEU A 518 11.27 21.36 -20.69
C LEU A 518 10.98 22.02 -19.33
N HIS A 519 9.86 21.67 -18.71
CA HIS A 519 9.53 22.31 -17.43
C HIS A 519 10.30 21.69 -16.27
N ILE A 520 10.72 20.44 -16.40
CA ILE A 520 11.64 19.86 -15.43
C ILE A 520 12.94 20.63 -15.49
N GLN A 521 13.41 20.88 -16.70
CA GLN A 521 14.68 21.54 -16.89
C GLN A 521 14.60 22.94 -16.30
N ALA A 522 13.42 23.53 -16.39
CA ALA A 522 13.23 24.89 -15.88
C ALA A 522 13.48 24.92 -14.38
N LEU A 523 12.92 23.95 -13.66
CA LEU A 523 13.04 23.86 -12.20
C LEU A 523 14.43 23.47 -11.74
N VAL A 524 14.98 22.43 -12.35
CA VAL A 524 16.32 21.99 -12.05
C VAL A 524 17.34 23.10 -12.31
N ASP A 525 17.16 23.82 -13.42
CA ASP A 525 18.07 24.91 -13.74
C ASP A 525 17.95 26.11 -12.82
N ALA A 526 16.85 26.19 -12.05
CA ALA A 526 16.67 27.29 -11.11
C ALA A 526 17.18 26.90 -9.73
N GLY A 527 17.54 25.63 -9.57
CA GLY A 527 18.11 25.15 -8.33
C GLY A 527 17.31 24.09 -7.59
N VAL A 528 16.12 23.75 -8.09
CA VAL A 528 15.33 22.74 -7.40
C VAL A 528 15.93 21.37 -7.60
N PRO A 529 16.30 20.67 -6.53
CA PRO A 529 16.93 19.36 -6.79
C PRO A 529 15.89 18.41 -7.35
N ALA A 530 16.30 17.55 -8.27
CA ALA A 530 15.43 16.54 -8.84
C ALA A 530 14.80 15.65 -7.77
N ARG A 531 15.46 15.50 -6.64
CA ARG A 531 14.99 14.51 -5.67
C ARG A 531 13.78 15.07 -4.97
N ASP A 532 13.56 16.37 -5.17
CA ASP A 532 12.41 17.08 -4.62
C ASP A 532 11.26 17.16 -5.60
N ILE A 533 11.47 16.67 -6.82
CA ILE A 533 10.44 16.68 -7.83
C ILE A 533 9.95 15.28 -8.16
N ALA A 534 8.69 15.20 -8.57
CA ALA A 534 8.09 13.97 -9.07
C ALA A 534 7.32 14.29 -10.32
N VAL A 535 7.58 13.52 -11.36
CA VAL A 535 6.76 13.52 -12.53
C VAL A 535 5.76 12.40 -12.31
N VAL A 536 4.50 12.63 -12.62
CA VAL A 536 3.47 11.63 -12.37
C VAL A 536 2.45 11.60 -13.49
N SER A 537 2.00 10.42 -13.84
CA SER A 537 0.98 10.29 -14.86
C SER A 537 0.05 9.14 -14.53
N PRO A 538 -1.21 9.27 -14.92
CA PRO A 538 -2.19 8.19 -14.76
C PRO A 538 -1.83 6.94 -15.55
N TYR A 539 -1.14 7.09 -16.68
CA TYR A 539 -0.98 5.98 -17.61
C TYR A 539 0.41 5.35 -17.60
N ASN A 540 0.44 4.03 -17.48
CA ASN A 540 1.70 3.31 -17.38
C ASN A 540 2.60 3.58 -18.58
N LEU A 541 2.02 3.66 -19.77
CA LEU A 541 2.82 3.91 -20.96
C LEU A 541 3.38 5.33 -21.01
N GLN A 542 2.65 6.30 -20.46
CA GLN A 542 3.22 7.63 -20.36
C GLN A 542 4.43 7.60 -19.42
N VAL A 543 4.27 7.00 -18.23
CA VAL A 543 5.42 6.80 -17.34
C VAL A 543 6.61 6.21 -18.14
N ASP A 544 6.37 5.14 -18.87
CA ASP A 544 7.43 4.49 -19.62
C ASP A 544 8.05 5.46 -20.61
N LEU A 545 7.21 6.17 -21.36
CA LEU A 545 7.67 7.18 -22.31
C LEU A 545 8.54 8.25 -21.62
N LEU A 546 8.20 8.60 -20.39
CA LEU A 546 8.82 9.70 -19.67
C LEU A 546 10.14 9.27 -19.04
N ARG A 547 10.18 8.04 -18.52
CA ARG A 547 11.45 7.47 -18.04
C ARG A 547 12.45 7.48 -19.16
N GLN A 548 12.03 7.00 -20.33
CA GLN A 548 12.86 6.96 -21.51
C GLN A 548 13.58 8.26 -21.83
N SER A 549 12.88 9.37 -21.71
CA SER A 549 13.44 10.65 -22.13
C SER A 549 14.21 11.38 -21.02
N LEU A 550 14.01 10.96 -19.77
CA LEU A 550 14.40 11.77 -18.60
C LEU A 550 15.44 11.18 -17.60
N VAL A 551 15.42 9.86 -17.40
CA VAL A 551 16.25 9.24 -16.35
C VAL A 551 17.77 9.54 -16.36
N HIS A 552 18.41 9.42 -17.52
CA HIS A 552 19.82 9.78 -17.66
C HIS A 552 20.06 11.27 -17.41
N ARG A 553 19.00 12.06 -17.61
CA ARG A 553 19.08 13.50 -17.44
C ARG A 553 18.94 13.87 -15.98
N HIS A 554 18.09 13.13 -15.27
CA HIS A 554 17.79 13.38 -13.84
C HIS A 554 17.60 12.05 -13.09
N PRO A 555 18.71 11.42 -12.74
CA PRO A 555 18.75 10.10 -12.12
C PRO A 555 18.03 10.09 -10.77
N GLU A 556 17.91 11.24 -10.12
CA GLU A 556 17.26 11.26 -8.81
C GLU A 556 15.77 11.58 -8.86
N LEU A 557 15.28 11.90 -10.06
CA LEU A 557 13.89 12.29 -10.29
C LEU A 557 12.92 11.11 -10.29
N GLU A 558 11.95 11.08 -9.38
CA GLU A 558 11.01 9.96 -9.44
C GLU A 558 9.98 10.17 -10.51
N ILE A 559 9.71 9.11 -11.25
CA ILE A 559 8.76 9.16 -12.34
C ILE A 559 7.82 8.00 -12.14
N LYS A 560 6.59 8.25 -11.69
CA LYS A 560 5.67 7.16 -11.43
C LYS A 560 4.23 7.43 -11.84
N SER A 561 3.45 6.36 -11.97
CA SER A 561 2.01 6.50 -12.14
C SER A 561 1.36 6.93 -10.83
N VAL A 562 0.14 7.47 -10.90
CA VAL A 562 -0.54 7.91 -9.69
C VAL A 562 -0.61 6.78 -8.68
N ASP A 563 -1.00 5.59 -9.15
CA ASP A 563 -1.21 4.43 -8.30
C ASP A 563 0.09 3.99 -7.62
N GLY A 564 1.21 4.31 -8.23
CA GLY A 564 2.49 3.94 -7.65
C GLY A 564 3.04 5.08 -6.82
N PHE A 565 2.18 6.01 -6.46
CA PHE A 565 2.64 7.16 -5.71
C PHE A 565 1.70 7.50 -4.54
N GLN A 566 0.80 6.56 -4.23
CA GLN A 566 -0.13 6.72 -3.11
C GLN A 566 0.65 6.96 -1.81
N GLY A 567 0.25 7.97 -1.06
CA GLY A 567 0.88 8.27 0.21
C GLY A 567 2.18 9.07 0.12
N ARG A 568 2.59 9.44 -1.10
CA ARG A 568 3.88 10.11 -1.25
C ARG A 568 3.74 11.61 -1.30
N GLU A 569 4.87 12.31 -1.44
CA GLU A 569 4.87 13.74 -1.26
C GLU A 569 6.15 14.38 -1.78
N LYS A 570 6.05 15.35 -2.70
CA LYS A 570 7.25 16.06 -3.12
C LYS A 570 7.06 17.56 -2.99
N GLU A 571 8.15 18.30 -2.98
CA GLU A 571 8.05 19.75 -3.00
C GLU A 571 7.36 20.23 -4.27
N ALA A 572 7.55 19.50 -5.37
CA ALA A 572 7.00 19.88 -6.68
C ALA A 572 6.56 18.66 -7.40
N VAL A 573 5.38 18.71 -7.98
CA VAL A 573 4.91 17.58 -8.77
C VAL A 573 4.50 18.07 -10.14
N ILE A 574 4.88 17.34 -11.18
CA ILE A 574 4.46 17.64 -12.55
C ILE A 574 3.59 16.50 -13.05
N LEU A 575 2.43 16.84 -13.60
CA LEU A 575 1.46 15.82 -14.02
C LEU A 575 1.28 15.85 -15.53
N SER A 576 1.06 14.68 -16.11
CA SER A 576 0.81 14.54 -17.53
C SER A 576 -0.51 13.80 -17.74
N PHE A 577 -1.48 14.48 -18.34
CA PHE A 577 -2.80 13.92 -18.49
C PHE A 577 -2.99 12.98 -19.68
N VAL A 578 -2.04 13.03 -20.62
CA VAL A 578 -1.98 12.09 -21.73
C VAL A 578 -3.11 12.22 -22.75
N ARG A 579 -4.34 12.30 -22.27
CA ARG A 579 -5.50 12.31 -23.16
C ARG A 579 -5.63 13.57 -24.02
N SER A 580 -5.41 13.41 -25.32
CA SER A 580 -5.63 14.47 -26.31
C SER A 580 -6.02 13.83 -27.65
N ASN A 581 -7.26 14.01 -28.05
CA ASN A 581 -7.75 13.37 -29.25
C ASN A 581 -8.91 14.10 -29.88
N ARG A 582 -9.36 13.54 -31.00
CA ARG A 582 -10.35 14.16 -31.86
C ARG A 582 -11.76 13.89 -31.34
N LYS A 583 -11.99 12.66 -30.90
CA LYS A 583 -13.30 12.25 -30.42
C LYS A 583 -13.52 12.69 -28.96
N GLY A 584 -12.70 13.63 -28.50
CA GLY A 584 -12.85 14.23 -27.19
C GLY A 584 -12.97 13.25 -26.04
N GLU A 585 -12.28 12.12 -26.14
CA GLU A 585 -12.40 11.10 -25.11
C GLU A 585 -11.28 11.16 -24.06
N VAL A 586 -11.68 11.06 -22.79
CA VAL A 586 -10.79 10.78 -21.67
C VAL A 586 -11.36 9.48 -21.15
N GLY A 587 -10.58 8.66 -20.45
CA GLY A 587 -11.17 7.40 -20.04
C GLY A 587 -10.40 6.77 -18.92
N PHE A 588 -11.02 6.67 -17.75
CA PHE A 588 -10.31 6.21 -16.55
C PHE A 588 -9.57 7.42 -16.01
N LEU A 589 -9.28 8.34 -16.93
CA LEU A 589 -8.94 9.71 -16.62
C LEU A 589 -10.13 10.38 -15.91
N ALA A 590 -11.32 9.78 -16.07
CA ALA A 590 -12.52 10.32 -15.44
C ALA A 590 -12.78 9.76 -14.04
N GLU A 591 -11.74 9.16 -13.45
CA GLU A 591 -11.80 8.71 -12.07
C GLU A 591 -11.20 9.78 -11.19
N ASP A 592 -12.07 10.61 -10.61
CA ASP A 592 -11.64 11.82 -9.93
C ASP A 592 -10.72 11.60 -8.77
N ARG A 593 -10.86 10.47 -8.10
CA ARG A 593 -10.05 10.18 -6.93
C ARG A 593 -8.60 9.97 -7.29
N ARG A 594 -8.37 9.46 -8.49
CA ARG A 594 -7.02 9.36 -9.02
C ARG A 594 -6.43 10.75 -9.27
N ILE A 595 -7.23 11.67 -9.79
CA ILE A 595 -6.77 13.03 -10.03
C ILE A 595 -6.52 13.71 -8.70
N ASN A 596 -7.43 13.44 -7.77
CA ASN A 596 -7.33 13.95 -6.40
C ASN A 596 -6.02 13.50 -5.82
N VAL A 597 -5.81 12.20 -5.82
CA VAL A 597 -4.53 11.71 -5.33
C VAL A 597 -3.39 12.43 -6.07
N ALA A 598 -3.49 12.50 -7.38
CA ALA A 598 -2.39 13.09 -8.17
C ALA A 598 -2.09 14.55 -7.82
N VAL A 599 -3.08 15.43 -7.84
CA VAL A 599 -2.85 16.81 -7.38
C VAL A 599 -2.29 16.94 -5.97
N THR A 600 -2.72 16.07 -5.05
CA THR A 600 -2.35 16.24 -3.63
C THR A 600 -0.97 15.73 -3.15
N ARG A 601 -0.15 15.14 -4.03
CA ARG A 601 1.23 14.76 -3.68
C ARG A 601 2.12 16.01 -3.54
N ALA A 602 1.67 17.14 -4.09
CA ALA A 602 2.55 18.31 -4.18
C ALA A 602 2.52 19.17 -2.94
N ARG A 603 3.67 19.73 -2.59
CA ARG A 603 3.77 20.67 -1.48
C ARG A 603 3.77 22.14 -1.93
N ARG A 604 4.82 22.54 -2.63
CA ARG A 604 4.98 23.94 -3.04
C ARG A 604 4.55 24.25 -4.46
N HIS A 605 4.42 23.22 -5.29
CA HIS A 605 4.22 23.44 -6.72
C HIS A 605 3.66 22.25 -7.46
N VAL A 606 2.59 22.49 -8.20
CA VAL A 606 2.00 21.47 -9.03
C VAL A 606 1.80 22.04 -10.43
N ALA A 607 2.38 21.36 -11.43
CA ALA A 607 2.18 21.71 -12.84
C ALA A 607 1.39 20.63 -13.57
N VAL A 608 0.36 21.05 -14.32
CA VAL A 608 -0.42 20.14 -15.13
C VAL A 608 -0.22 20.44 -16.59
N ILE A 609 0.24 19.43 -17.35
CA ILE A 609 0.33 19.45 -18.82
C ILE A 609 -0.83 18.66 -19.36
N CYS A 610 -1.71 19.31 -20.12
CA CYS A 610 -2.93 18.65 -20.56
C CYS A 610 -3.63 19.37 -21.73
N ASP A 611 -4.56 18.66 -22.35
CA ASP A 611 -5.34 19.18 -23.47
C ASP A 611 -6.72 19.68 -23.03
N SER A 612 -6.83 20.97 -22.74
CA SER A 612 -8.12 21.61 -22.44
C SER A 612 -9.25 21.02 -23.22
N ARG A 613 -9.03 20.96 -24.54
CA ARG A 613 -10.09 20.67 -25.47
C ARG A 613 -10.64 19.28 -25.25
N THR A 614 -9.78 18.39 -24.76
CA THR A 614 -10.18 17.01 -24.51
C THR A 614 -10.61 16.85 -23.05
N VAL A 615 -9.77 17.30 -22.15
CA VAL A 615 -10.02 17.18 -20.72
C VAL A 615 -11.36 17.83 -20.30
N ASN A 616 -11.70 18.95 -20.93
CA ASN A 616 -12.89 19.67 -20.53
C ASN A 616 -14.18 18.91 -20.78
N ASN A 617 -14.15 17.92 -21.65
CA ASN A 617 -15.32 17.08 -21.88
C ASN A 617 -15.70 16.20 -20.70
N HIS A 618 -14.91 16.27 -19.63
CA HIS A 618 -15.28 15.68 -18.35
C HIS A 618 -15.40 16.76 -17.28
N ALA A 619 -16.49 16.74 -16.52
CA ALA A 619 -16.80 17.81 -15.59
C ALA A 619 -15.74 17.98 -14.49
N PHE A 620 -15.41 16.93 -13.77
CA PHE A 620 -14.38 17.09 -12.75
C PHE A 620 -13.12 17.73 -13.35
N LEU A 621 -12.66 17.17 -14.47
CA LEU A 621 -11.46 17.67 -15.14
C LEU A 621 -11.66 19.12 -15.59
N LYS A 622 -12.76 19.39 -16.27
CA LYS A 622 -13.13 20.76 -16.59
C LYS A 622 -13.00 21.74 -15.42
N THR A 623 -13.50 21.39 -14.24
CA THR A 623 -13.39 22.33 -13.13
C THR A 623 -11.96 22.38 -12.58
N LEU A 624 -11.19 21.31 -12.76
CA LEU A 624 -9.79 21.36 -12.38
C LEU A 624 -9.06 22.42 -13.19
N VAL A 625 -9.25 22.39 -14.51
CA VAL A 625 -8.52 23.32 -15.38
C VAL A 625 -9.10 24.71 -15.22
N GLU A 626 -10.41 24.78 -15.01
CA GLU A 626 -11.05 26.05 -14.68
C GLU A 626 -10.43 26.64 -13.42
N TYR A 627 -10.18 25.80 -12.43
CA TYR A 627 -9.43 26.24 -11.25
C TYR A 627 -8.07 26.87 -11.57
N PHE A 628 -7.22 26.11 -12.27
CA PHE A 628 -5.90 26.58 -12.67
C PHE A 628 -5.96 27.90 -13.45
N THR A 629 -7.02 28.09 -14.21
CA THR A 629 -7.21 29.34 -14.92
C THR A 629 -7.46 30.52 -13.97
N GLN A 630 -8.38 30.33 -13.01
CA GLN A 630 -8.64 31.29 -11.91
C GLN A 630 -7.40 31.66 -11.11
N HIS A 631 -6.67 30.64 -10.65
CA HIS A 631 -5.56 30.82 -9.74
C HIS A 631 -4.33 30.24 -10.39
N GLY A 632 -3.17 30.80 -10.13
CA GLY A 632 -1.96 30.20 -10.69
C GLY A 632 -1.83 30.39 -12.17
N GLU A 633 -0.70 29.97 -12.75
CA GLU A 633 -0.37 30.43 -14.08
C GLU A 633 -0.74 29.46 -15.17
N VAL A 634 -0.96 30.00 -16.35
CA VAL A 634 -1.41 29.19 -17.45
C VAL A 634 -0.71 29.61 -18.72
N ARG A 635 -0.10 28.62 -19.36
CA ARG A 635 0.67 28.80 -20.57
C ARG A 635 0.18 27.86 -21.65
N THR A 636 0.47 28.21 -22.88
CA THR A 636 0.12 27.38 -24.00
C THR A 636 1.40 26.65 -24.52
N ALA A 637 1.24 25.47 -25.12
CA ALA A 637 2.37 24.73 -25.67
C ALA A 637 3.16 25.58 -26.68
N PHE A 638 2.46 26.46 -27.38
CA PHE A 638 3.08 27.37 -28.36
C PHE A 638 4.23 28.19 -27.78
N GLU A 639 4.28 28.33 -26.46
CA GLU A 639 5.36 29.08 -25.83
C GLU A 639 6.56 28.18 -25.54
N TYR A 640 6.34 26.87 -25.58
CA TYR A 640 7.41 25.93 -25.28
C TYR A 640 8.04 25.37 -26.58
N LEU A 641 7.20 25.12 -27.57
CA LEU A 641 7.61 24.44 -28.80
C LEU A 641 7.48 25.35 -30.02
N ASP A 642 8.53 25.38 -30.83
CA ASP A 642 8.58 26.25 -31.99
C ASP A 642 8.16 25.57 -33.30
N ASP A 643 8.38 24.26 -33.39
CA ASP A 643 8.03 23.53 -34.61
C ASP A 643 6.55 23.13 -34.64
N ILE A 644 5.78 23.74 -33.76
CA ILE A 644 4.36 23.43 -33.58
C ILE A 644 3.47 24.00 -34.71
N VAL A 645 2.67 23.14 -35.34
CA VAL A 645 1.80 23.51 -36.46
C VAL A 645 0.31 23.45 -36.11
N PRO A 646 -0.34 24.63 -36.07
CA PRO A 646 -1.74 24.76 -35.62
C PRO A 646 -2.74 24.12 -36.59
P PO4 B . -1.75 11.02 2.27
O1 PO4 B . -2.56 9.80 1.85
O2 PO4 B . -1.97 12.11 1.24
O3 PO4 B . -2.18 11.45 3.67
O4 PO4 B . -0.29 10.67 2.28
#